data_4KHA
#
_entry.id   4KHA
#
_cell.length_a   108.421
_cell.length_b   108.421
_cell.length_c   117.769
_cell.angle_alpha   90.00
_cell.angle_beta   90.00
_cell.angle_gamma   90.00
#
_symmetry.space_group_name_H-M   'P 43 21 2'
#
loop_
_entity.id
_entity.type
_entity.pdbx_description
1 polymer 'Spt16M-Histone H2B 1.1 chimera'
2 polymer 'Histone H2A'
3 non-polymer 'CHLORIDE ION'
4 non-polymer 2-AMINO-2-HYDROXYMETHYL-PROPANE-1,3-DIOL
5 water water
#
loop_
_entity_poly.entity_id
_entity_poly.type
_entity_poly.pdbx_seq_one_letter_code
_entity_poly.pdbx_strand_id
1 'polypeptide(L)'
;GHMDVVEQDKLIEIRNRRPAVLDNVYIRPALEGKRVPGKVEIHQNGIRYQSPLSTTQRVDVLFSNIRHLFFQPCQNEMIV
IIHLHLKDPILFGKKKTKDVQFYREAIDIQFDETGNRKRKYRYGDEDEFEAEQEERRRKAELDRLFKSFAEKIAEAGRNE
GIEVDMPIRDLGFNGVPNRSNVVIYPTTECLIQITEPPFLVITLEDVEWAHLERVQFGLKNFDLVFVFKDFTRPVVHINT
IPVESLEDVKEFLDSSDIPFSEGPLNLNWSVIMKTVTANPHQFFLDGGWGFLQNDSDGSGGSGGSGGSGGSKKRRKTRKE
SYAIYVYKVLKQVHPDTGISSKAMSIMNSFVNDVFERIAGEASRLAHYNKRSTITSREIQTAVRLLLPGELAKHAVSEGT
KAVTKYTSAK
;
A
2 'polypeptide(L)'
;AGRAKTRSSRAGLQFPVGRVHRLLRKGNYAERVGAGAPVYLAAVLEYLTAEILELAGNAARDNKKTRIIPRHLQLAVRND
EELNKLLGRVTI
;
B
#
loop_
_chem_comp.id
_chem_comp.type
_chem_comp.name
_chem_comp.formula
CL non-polymer 'CHLORIDE ION' 'Cl -1'
TRS non-polymer 2-AMINO-2-HYDROXYMETHYL-PROPANE-1,3-DIOL 'C4 H12 N O3 1'
#
# COMPACT_ATOMS: atom_id res chain seq x y z
N ASP A 4 -22.14 10.79 -4.73
CA ASP A 4 -22.92 11.39 -3.65
C ASP A 4 -22.00 11.88 -2.52
N VAL A 5 -22.53 12.77 -1.69
CA VAL A 5 -21.78 13.37 -0.58
C VAL A 5 -22.63 13.49 0.68
N VAL A 6 -22.02 14.01 1.75
CA VAL A 6 -22.72 14.28 3.01
C VAL A 6 -23.13 15.75 3.04
N GLU A 7 -24.44 15.99 3.14
CA GLU A 7 -25.00 17.33 3.06
C GLU A 7 -24.45 18.26 4.15
N GLN A 8 -24.15 19.51 3.75
CA GLN A 8 -23.66 20.52 4.67
C GLN A 8 -24.76 21.55 4.91
N ASP A 9 -24.82 22.08 6.11
CA ASP A 9 -25.70 23.22 6.41
C ASP A 9 -25.25 24.41 5.58
N LYS A 10 -26.12 25.40 5.45
CA LYS A 10 -25.80 26.58 4.67
C LYS A 10 -24.89 27.47 5.48
N LEU A 11 -24.00 28.18 4.80
CA LEU A 11 -23.10 29.12 5.46
C LEU A 11 -23.89 30.31 6.00
N ILE A 12 -23.58 30.70 7.23
CA ILE A 12 -24.23 31.83 7.87
C ILE A 12 -23.29 33.03 7.81
N GLU A 13 -23.77 34.09 7.15
CA GLU A 13 -22.90 35.19 6.77
C GLU A 13 -22.85 36.28 7.82
N ILE A 14 -21.70 36.93 7.91
CA ILE A 14 -21.53 38.15 8.70
C ILE A 14 -21.85 39.34 7.80
N ARG A 15 -22.87 40.10 8.18
CA ARG A 15 -23.33 41.24 7.37
C ARG A 15 -23.21 42.55 8.14
N ASN A 16 -23.20 42.46 9.46
CA ASN A 16 -23.06 43.64 10.31
C ASN A 16 -21.79 44.41 9.99
N ARG A 17 -20.76 43.68 9.60
CA ARG A 17 -19.44 44.26 9.35
C ARG A 17 -18.82 43.69 8.09
N ARG A 18 -17.79 44.35 7.58
CA ARG A 18 -17.00 43.79 6.49
C ARG A 18 -16.22 42.63 7.07
N PRO A 19 -16.42 41.40 6.54
CA PRO A 19 -15.78 40.25 7.16
C PRO A 19 -14.27 40.27 6.98
N ALA A 20 -13.54 39.51 7.80
CA ALA A 20 -12.10 39.41 7.66
C ALA A 20 -11.85 38.71 6.32
N VAL A 21 -10.99 39.30 5.51
CA VAL A 21 -10.80 38.85 4.14
C VAL A 21 -9.33 38.62 3.85
N LEU A 22 -9.04 37.58 3.09
CA LEU A 22 -7.70 37.34 2.55
C LEU A 22 -7.79 37.44 1.03
N ASP A 23 -7.17 38.46 0.46
CA ASP A 23 -7.30 38.77 -0.96
C ASP A 23 -6.16 38.19 -1.81
N ASN A 24 -6.39 38.10 -3.12
CA ASN A 24 -5.36 37.70 -4.07
C ASN A 24 -4.83 36.30 -3.78
N VAL A 25 -5.73 35.31 -3.74
CA VAL A 25 -5.34 33.91 -3.53
C VAL A 25 -5.94 33.00 -4.60
N TYR A 26 -5.18 31.97 -4.95
CA TYR A 26 -5.63 30.95 -5.88
C TYR A 26 -6.16 29.79 -5.08
N ILE A 27 -7.00 28.97 -5.71
CA ILE A 27 -7.59 27.82 -5.05
C ILE A 27 -7.18 26.54 -5.76
N ARG A 28 -6.95 25.49 -4.98
CA ARG A 28 -6.79 24.14 -5.50
C ARG A 28 -7.71 23.18 -4.76
N PRO A 29 -8.35 22.25 -5.48
CA PRO A 29 -8.22 22.10 -6.93
C PRO A 29 -8.87 23.26 -7.69
N ALA A 30 -8.43 23.48 -8.92
CA ALA A 30 -8.91 24.62 -9.71
C ALA A 30 -10.35 24.41 -10.15
N LEU A 31 -11.05 25.51 -10.39
CA LEU A 31 -12.42 25.44 -10.85
C LEU A 31 -12.49 25.56 -12.36
N GLU A 32 -13.69 25.46 -12.90
CA GLU A 32 -13.92 25.61 -14.32
C GLU A 32 -13.68 27.06 -14.73
N GLY A 33 -12.92 27.26 -15.81
CA GLY A 33 -12.70 28.58 -16.35
C GLY A 33 -11.27 29.06 -16.24
N LYS A 34 -11.05 30.33 -16.56
CA LYS A 34 -9.72 30.92 -16.51
C LYS A 34 -9.16 30.88 -15.10
N ARG A 35 -7.84 30.77 -14.98
CA ARG A 35 -7.19 30.77 -13.69
C ARG A 35 -6.92 32.20 -13.24
N VAL A 36 -7.80 32.72 -12.38
CA VAL A 36 -7.60 34.03 -11.81
C VAL A 36 -7.71 34.00 -10.29
N PRO A 37 -7.12 34.99 -9.61
CA PRO A 37 -7.18 35.08 -8.15
C PRO A 37 -8.59 35.33 -7.64
N GLY A 38 -8.85 34.85 -6.44
CA GLY A 38 -10.09 35.15 -5.73
C GLY A 38 -9.75 35.66 -4.35
N LYS A 39 -10.59 35.34 -3.37
CA LYS A 39 -10.39 35.81 -2.02
C LYS A 39 -11.14 34.91 -1.05
N VAL A 40 -10.77 34.95 0.21
CA VAL A 40 -11.45 34.16 1.24
C VAL A 40 -12.02 35.08 2.31
N GLU A 41 -13.27 34.81 2.69
CA GLU A 41 -13.95 35.59 3.72
C GLU A 41 -14.29 34.68 4.90
N ILE A 42 -14.18 35.21 6.11
CA ILE A 42 -14.53 34.46 7.30
C ILE A 42 -15.88 34.92 7.82
N HIS A 43 -16.77 33.97 8.06
CA HIS A 43 -18.11 34.27 8.56
C HIS A 43 -18.36 33.58 9.91
N GLN A 44 -19.60 33.23 10.20
CA GLN A 44 -19.97 32.73 11.52
C GLN A 44 -19.83 31.21 11.61
N ASN A 45 -20.32 30.50 10.60
CA ASN A 45 -20.33 29.04 10.60
C ASN A 45 -19.26 28.43 9.68
N GLY A 46 -18.40 29.27 9.12
CA GLY A 46 -17.43 28.80 8.13
C GLY A 46 -16.77 29.93 7.37
N ILE A 47 -16.20 29.59 6.22
CA ILE A 47 -15.49 30.55 5.37
C ILE A 47 -15.96 30.42 3.94
N ARG A 48 -15.56 31.37 3.10
CA ARG A 48 -16.02 31.47 1.73
C ARG A 48 -14.90 31.85 0.78
N TYR A 49 -14.58 30.98 -0.17
CA TYR A 49 -13.76 31.36 -1.31
C TYR A 49 -14.67 31.96 -2.38
N GLN A 50 -14.26 33.04 -3.03
CA GLN A 50 -15.09 33.70 -4.04
C GLN A 50 -14.28 34.10 -5.27
N SER A 51 -14.72 33.65 -6.44
CA SER A 51 -14.08 34.03 -7.69
C SER A 51 -14.74 35.30 -8.22
N PRO A 52 -13.98 36.17 -8.89
CA PRO A 52 -14.53 37.40 -9.51
C PRO A 52 -15.10 37.16 -10.90
N LEU A 53 -15.15 35.90 -11.34
CA LEU A 53 -15.66 35.56 -12.67
C LEU A 53 -17.18 35.57 -12.68
N SER A 54 -17.75 35.22 -11.53
CA SER A 54 -19.18 35.12 -11.39
C SER A 54 -19.50 34.89 -9.92
N THR A 55 -20.52 35.58 -9.41
CA THR A 55 -20.92 35.47 -8.00
C THR A 55 -21.33 34.06 -7.62
N THR A 56 -21.46 33.18 -8.61
CA THR A 56 -21.82 31.78 -8.40
C THR A 56 -20.58 30.92 -8.23
N GLN A 57 -19.46 31.39 -8.76
CA GLN A 57 -18.20 30.66 -8.63
C GLN A 57 -17.58 30.94 -7.27
N ARG A 58 -17.97 30.14 -6.30
CA ARG A 58 -17.50 30.29 -4.93
C ARG A 58 -17.58 28.95 -4.23
N VAL A 59 -16.92 28.86 -3.07
CA VAL A 59 -16.95 27.64 -2.28
C VAL A 59 -17.14 27.95 -0.79
N ASP A 60 -18.19 27.37 -0.22
CA ASP A 60 -18.48 27.50 1.19
C ASP A 60 -17.95 26.29 1.94
N VAL A 61 -17.25 26.54 3.04
CA VAL A 61 -16.68 25.47 3.86
C VAL A 61 -16.98 25.74 5.33
N LEU A 62 -17.68 24.81 5.97
CA LEU A 62 -18.07 24.97 7.37
C LEU A 62 -16.92 24.59 8.29
N PHE A 63 -16.83 25.27 9.43
CA PHE A 63 -15.89 24.91 10.49
C PHE A 63 -16.18 23.48 10.94
N SER A 64 -17.45 23.09 10.85
CA SER A 64 -17.89 21.78 11.30
C SER A 64 -17.32 20.65 10.44
N ASN A 65 -16.83 20.99 9.25
CA ASN A 65 -16.37 20.00 8.29
C ASN A 65 -14.86 20.07 8.06
N ILE A 66 -14.17 20.85 8.89
CA ILE A 66 -12.70 20.90 8.81
C ILE A 66 -12.08 19.98 9.85
N ARG A 67 -11.38 18.96 9.36
CA ARG A 67 -10.67 18.04 10.24
C ARG A 67 -9.31 18.58 10.63
N HIS A 68 -8.62 19.18 9.65
CA HIS A 68 -7.31 19.79 9.88
C HIS A 68 -7.19 21.11 9.12
N LEU A 69 -6.49 22.05 9.74
CA LEU A 69 -6.18 23.34 9.13
C LEU A 69 -4.66 23.48 9.15
N PHE A 70 -4.03 23.43 7.98
CA PHE A 70 -2.58 23.53 7.91
C PHE A 70 -2.18 24.89 7.39
N PHE A 71 -1.10 25.43 7.95
CA PHE A 71 -0.45 26.59 7.39
C PHE A 71 0.99 26.20 7.11
N GLN A 72 1.42 26.40 5.87
CA GLN A 72 2.80 26.13 5.48
C GLN A 72 3.42 27.40 4.94
N PRO A 73 4.44 27.94 5.62
CA PRO A 73 5.08 29.16 5.15
C PRO A 73 5.93 28.95 3.89
N CYS A 74 6.26 30.05 3.22
CA CYS A 74 7.12 30.03 2.05
C CYS A 74 8.52 30.53 2.42
N GLN A 75 8.88 30.44 3.70
CA GLN A 75 10.22 30.79 4.14
C GLN A 75 11.27 30.00 3.35
N ASN A 76 10.89 28.78 2.94
CA ASN A 76 11.76 27.92 2.14
C ASN A 76 11.01 27.20 1.02
N GLU A 77 10.03 27.90 0.41
CA GLU A 77 9.29 27.36 -0.73
C GLU A 77 8.92 28.49 -1.69
N MET A 78 8.32 28.13 -2.83
CA MET A 78 7.97 29.12 -3.86
C MET A 78 6.63 29.79 -3.56
N ILE A 79 5.73 29.04 -2.93
CA ILE A 79 4.39 29.54 -2.59
C ILE A 79 4.13 29.45 -1.09
N VAL A 80 3.11 30.19 -0.64
CA VAL A 80 2.65 30.13 0.74
C VAL A 80 1.23 29.57 0.72
N ILE A 81 0.87 28.80 1.75
CA ILE A 81 -0.35 28.00 1.69
C ILE A 81 -1.17 28.00 2.98
N ILE A 82 -2.48 28.03 2.80
CA ILE A 82 -3.42 27.59 3.83
C ILE A 82 -4.20 26.43 3.24
N HIS A 83 -4.21 25.31 3.95
CA HIS A 83 -4.80 24.08 3.45
C HIS A 83 -5.88 23.58 4.40
N LEU A 84 -7.04 23.23 3.83
CA LEU A 84 -8.15 22.69 4.61
C LEU A 84 -8.37 21.24 4.24
N HIS A 85 -8.30 20.36 5.23
CA HIS A 85 -8.60 18.95 5.03
C HIS A 85 -9.93 18.66 5.73
N LEU A 86 -10.84 17.98 5.05
CA LEU A 86 -12.23 17.92 5.48
C LEU A 86 -12.63 16.53 5.96
N LYS A 87 -13.61 16.47 6.86
CA LYS A 87 -14.13 15.22 7.39
C LYS A 87 -14.89 14.47 6.31
N ASP A 88 -15.84 15.17 5.68
CA ASP A 88 -16.58 14.62 4.56
C ASP A 88 -16.32 15.50 3.33
N PRO A 89 -16.11 14.87 2.16
CA PRO A 89 -15.78 15.63 0.96
C PRO A 89 -16.99 16.37 0.38
N ILE A 90 -16.72 17.37 -0.47
CA ILE A 90 -17.77 18.25 -0.99
C ILE A 90 -17.77 18.31 -2.51
N LEU A 91 -18.93 18.61 -3.08
CA LEU A 91 -19.07 18.80 -4.51
C LEU A 91 -18.26 20.02 -4.92
N PHE A 92 -17.49 19.87 -6.00
CA PHE A 92 -16.55 20.90 -6.44
C PHE A 92 -16.65 21.04 -7.95
N GLY A 93 -17.61 21.84 -8.41
CA GLY A 93 -17.95 21.88 -9.82
C GLY A 93 -18.41 20.49 -10.22
N LYS A 94 -17.72 19.88 -11.17
CA LYS A 94 -18.05 18.53 -11.62
C LYS A 94 -17.66 17.47 -10.59
N LYS A 95 -16.50 17.63 -9.97
CA LYS A 95 -15.94 16.60 -9.11
C LYS A 95 -16.25 16.83 -7.63
N LYS A 96 -15.63 16.02 -6.78
CA LYS A 96 -15.73 16.18 -5.34
C LYS A 96 -14.32 16.21 -4.77
N THR A 97 -14.14 16.87 -3.63
CA THR A 97 -12.83 16.93 -2.99
C THR A 97 -12.92 16.87 -1.46
N LYS A 98 -11.83 16.39 -0.86
CA LYS A 98 -11.71 16.28 0.59
C LYS A 98 -10.67 17.30 1.07
N ASP A 99 -10.01 17.94 0.12
CA ASP A 99 -9.06 19.01 0.41
C ASP A 99 -9.44 20.28 -0.34
N VAL A 100 -9.15 21.42 0.28
CA VAL A 100 -9.27 22.71 -0.34
C VAL A 100 -8.14 23.59 0.20
N GLN A 101 -7.34 24.17 -0.70
CA GLN A 101 -6.23 25.00 -0.28
C GLN A 101 -6.21 26.32 -1.03
N PHE A 102 -5.62 27.33 -0.39
CA PHE A 102 -5.46 28.64 -0.96
C PHE A 102 -3.99 28.98 -0.92
N TYR A 103 -3.50 29.57 -2.00
CA TYR A 103 -2.07 29.86 -2.10
C TYR A 103 -1.80 31.13 -2.87
N ARG A 104 -0.67 31.74 -2.60
CA ARG A 104 -0.17 32.85 -3.39
C ARG A 104 1.30 32.62 -3.71
N GLU A 105 1.66 32.86 -4.97
CA GLU A 105 3.04 32.70 -5.41
C GLU A 105 3.91 33.83 -4.87
N ALA A 106 5.20 33.56 -4.74
CA ALA A 106 6.17 34.55 -4.28
C ALA A 106 7.12 34.90 -5.43
N ILE A 107 6.63 35.69 -6.38
CA ILE A 107 7.43 36.07 -7.55
C ILE A 107 6.69 37.10 -8.39
N GLN A 133 17.56 38.79 0.56
CA GLN A 133 17.80 40.16 0.10
C GLN A 133 16.49 40.94 0.00
N GLU A 134 16.09 41.32 -1.21
CA GLU A 134 14.86 42.09 -1.41
C GLU A 134 13.61 41.21 -1.21
N GLU A 135 13.74 39.93 -1.53
CA GLU A 135 12.63 38.98 -1.39
C GLU A 135 12.36 38.68 0.08
N ARG A 136 13.36 38.95 0.92
CA ARG A 136 13.29 38.69 2.36
C ARG A 136 12.00 39.22 2.99
N ARG A 137 11.73 40.50 2.77
CA ARG A 137 10.58 41.16 3.38
C ARG A 137 9.26 40.70 2.76
N ARG A 138 9.24 40.57 1.44
CA ARG A 138 8.04 40.14 0.73
C ARG A 138 7.62 38.75 1.17
N LYS A 139 8.61 37.86 1.32
CA LYS A 139 8.34 36.47 1.71
C LYS A 139 7.83 36.39 3.14
N ALA A 140 8.51 37.07 4.05
CA ALA A 140 8.14 37.08 5.47
C ALA A 140 6.83 37.82 5.72
N GLU A 141 6.58 38.88 4.94
CA GLU A 141 5.34 39.63 5.06
C GLU A 141 4.17 38.78 4.55
N LEU A 142 4.45 37.99 3.51
CA LEU A 142 3.47 37.06 2.97
C LEU A 142 3.07 36.02 4.02
N ASP A 143 4.05 35.56 4.78
CA ASP A 143 3.83 34.52 5.80
C ASP A 143 3.06 35.06 6.99
N ARG A 144 3.37 36.30 7.41
CA ARG A 144 2.70 36.92 8.54
C ARG A 144 1.21 37.07 8.23
N LEU A 145 0.94 37.45 6.99
CA LEU A 145 -0.41 37.68 6.51
C LEU A 145 -1.26 36.41 6.55
N PHE A 146 -0.75 35.36 5.95
CA PHE A 146 -1.44 34.07 5.90
C PHE A 146 -1.56 33.42 7.26
N LYS A 147 -0.55 33.62 8.11
CA LYS A 147 -0.55 33.03 9.43
C LYS A 147 -1.62 33.67 10.30
N SER A 148 -1.71 35.00 10.25
CA SER A 148 -2.72 35.71 11.02
C SER A 148 -4.12 35.27 10.58
N PHE A 149 -4.32 35.24 9.27
CA PHE A 149 -5.60 34.81 8.72
C PHE A 149 -5.97 33.41 9.19
N ALA A 150 -5.01 32.50 9.07
CA ALA A 150 -5.16 31.13 9.57
C ALA A 150 -5.55 31.11 11.04
N GLU A 151 -4.96 32.02 11.82
CA GLU A 151 -5.29 32.15 13.23
C GLU A 151 -6.73 32.65 13.42
N LYS A 152 -7.15 33.59 12.58
CA LYS A 152 -8.52 34.13 12.64
C LYS A 152 -9.53 33.03 12.34
N ILE A 153 -9.19 32.13 11.42
CA ILE A 153 -10.06 31.02 11.09
C ILE A 153 -10.25 30.12 12.31
N ALA A 154 -9.15 29.78 12.97
CA ALA A 154 -9.18 28.91 14.15
C ALA A 154 -9.95 29.58 15.28
N GLU A 155 -9.71 30.88 15.47
CA GLU A 155 -10.44 31.67 16.47
C GLU A 155 -11.93 31.66 16.13
N ALA A 156 -12.24 31.82 14.85
CA ALA A 156 -13.63 31.84 14.38
C ALA A 156 -14.28 30.47 14.56
N GLY A 157 -13.46 29.42 14.58
CA GLY A 157 -13.96 28.06 14.68
C GLY A 157 -13.64 27.43 16.02
N ARG A 158 -13.32 28.26 17.00
CA ARG A 158 -12.98 27.82 18.35
C ARG A 158 -13.99 26.82 18.92
N ASN A 159 -15.27 27.10 18.69
CA ASN A 159 -16.35 26.22 19.16
C ASN A 159 -16.20 24.79 18.66
N GLU A 160 -15.57 24.63 17.49
CA GLU A 160 -15.49 23.34 16.82
C GLU A 160 -14.12 22.68 17.03
N GLY A 161 -13.27 23.31 17.84
CA GLY A 161 -12.00 22.72 18.22
C GLY A 161 -10.99 22.75 17.10
N ILE A 162 -11.00 23.83 16.32
CA ILE A 162 -10.08 23.98 15.21
C ILE A 162 -8.81 24.66 15.67
N GLU A 163 -7.67 24.13 15.22
CA GLU A 163 -6.37 24.70 15.56
C GLU A 163 -5.48 24.73 14.34
N VAL A 164 -4.62 25.73 14.28
CA VAL A 164 -3.61 25.81 13.24
C VAL A 164 -2.53 24.79 13.49
N ASP A 165 -2.39 23.87 12.56
CA ASP A 165 -1.33 22.87 12.59
C ASP A 165 -0.31 23.26 11.53
N MET A 166 0.97 22.95 11.77
CA MET A 166 2.01 23.32 10.82
C MET A 166 3.00 22.17 10.62
N PRO A 167 3.64 22.14 9.45
CA PRO A 167 4.67 21.11 9.23
C PRO A 167 5.80 21.27 10.23
N ILE A 168 6.39 20.14 10.60
CA ILE A 168 7.57 20.13 11.45
C ILE A 168 8.76 19.87 10.53
N ARG A 169 9.44 20.94 10.14
CA ARG A 169 10.42 20.88 9.06
C ARG A 169 11.64 20.02 9.35
N ASP A 170 12.06 19.97 10.60
CA ASP A 170 13.27 19.22 10.98
C ASP A 170 13.05 17.70 10.93
N LEU A 171 11.80 17.28 10.77
CA LEU A 171 11.47 15.85 10.68
C LEU A 171 11.04 15.44 9.28
N GLY A 172 11.33 16.28 8.28
CA GLY A 172 10.89 16.03 6.92
C GLY A 172 11.71 14.95 6.25
N PHE A 173 11.11 14.24 5.28
CA PHE A 173 11.84 13.24 4.50
C PHE A 173 11.28 13.12 3.09
N ASN A 174 12.12 12.65 2.17
CA ASN A 174 11.76 12.56 0.77
C ASN A 174 11.09 11.24 0.41
N GLY A 175 10.21 11.27 -0.60
CA GLY A 175 9.51 10.08 -1.02
C GLY A 175 8.57 10.30 -2.18
N VAL A 176 7.98 9.21 -2.66
CA VAL A 176 7.16 9.24 -3.87
C VAL A 176 5.79 8.56 -3.62
N PRO A 177 4.80 9.36 -3.18
CA PRO A 177 3.41 8.90 -3.02
C PRO A 177 2.72 8.66 -4.35
N ASN A 178 3.16 9.37 -5.38
CA ASN A 178 2.56 9.27 -6.70
C ASN A 178 3.61 9.04 -7.79
N ARG A 179 4.08 10.11 -8.42
CA ARG A 179 4.96 9.99 -9.58
C ARG A 179 6.25 10.78 -9.44
N SER A 180 6.27 11.74 -8.52
CA SER A 180 7.41 12.66 -8.40
C SER A 180 7.98 12.69 -6.99
N ASN A 181 9.26 13.05 -6.88
CA ASN A 181 9.90 13.11 -5.59
C ASN A 181 9.47 14.38 -4.86
N VAL A 182 9.05 14.21 -3.62
CA VAL A 182 8.53 15.31 -2.82
C VAL A 182 8.92 15.09 -1.38
N VAL A 183 8.82 16.14 -0.58
CA VAL A 183 9.13 16.04 0.85
C VAL A 183 7.86 15.85 1.64
N ILE A 184 7.87 14.81 2.47
CA ILE A 184 6.75 14.51 3.35
C ILE A 184 7.08 15.07 4.72
N TYR A 185 6.15 15.84 5.28
CA TYR A 185 6.37 16.52 6.55
C TYR A 185 5.42 15.98 7.60
N PRO A 186 5.96 15.61 8.76
CA PRO A 186 5.04 15.37 9.87
C PRO A 186 4.43 16.66 10.37
N THR A 187 3.27 16.57 11.00
CA THR A 187 2.71 17.68 11.75
C THR A 187 2.41 17.17 13.16
N THR A 188 1.68 17.97 13.94
CA THR A 188 1.28 17.61 15.28
C THR A 188 0.38 16.36 15.30
N GLU A 189 -0.46 16.24 14.28
CA GLU A 189 -1.46 15.17 14.20
C GLU A 189 -1.34 14.32 12.93
N CYS A 190 -0.56 14.77 11.95
CA CYS A 190 -0.61 14.22 10.60
C CYS A 190 0.76 14.01 9.98
N LEU A 191 0.72 13.51 8.75
CA LEU A 191 1.87 13.38 7.87
C LEU A 191 1.36 13.91 6.53
N ILE A 192 2.03 14.91 5.95
CA ILE A 192 1.45 15.63 4.81
C ILE A 192 2.41 15.97 3.66
N GLN A 193 1.81 16.17 2.49
CA GLN A 193 2.42 16.77 1.31
C GLN A 193 1.31 17.60 0.68
N ILE A 194 1.45 18.93 0.72
CA ILE A 194 0.41 19.85 0.26
C ILE A 194 0.98 20.92 -0.66
N THR A 195 2.25 20.77 -1.03
CA THR A 195 2.95 21.76 -1.84
C THR A 195 2.60 21.63 -3.32
N GLU A 196 2.36 20.40 -3.76
CA GLU A 196 1.90 20.16 -5.12
C GLU A 196 0.88 19.02 -5.12
N PRO A 197 -0.11 19.09 -6.03
CA PRO A 197 -1.05 17.96 -6.13
C PRO A 197 -0.40 16.79 -6.87
N PRO A 198 -0.91 15.56 -6.67
CA PRO A 198 -2.00 15.23 -5.74
C PRO A 198 -1.56 15.37 -4.29
N PHE A 199 -2.46 15.83 -3.43
CA PHE A 199 -2.11 16.10 -2.05
C PHE A 199 -2.13 14.83 -1.20
N LEU A 200 -1.35 14.84 -0.13
CA LEU A 200 -1.24 13.70 0.75
C LEU A 200 -1.51 14.20 2.15
N VAL A 201 -2.52 13.63 2.80
CA VAL A 201 -2.78 13.89 4.21
C VAL A 201 -3.10 12.58 4.92
N ILE A 202 -2.18 12.12 5.75
CA ILE A 202 -2.41 10.94 6.58
C ILE A 202 -2.59 11.39 8.02
N THR A 203 -3.77 11.10 8.56
CA THR A 203 -4.06 11.42 9.95
C THR A 203 -3.67 10.20 10.80
N LEU A 204 -2.69 10.39 11.67
CA LEU A 204 -2.01 9.29 12.33
C LEU A 204 -2.93 8.43 13.20
N GLU A 205 -3.92 9.06 13.84
CA GLU A 205 -4.89 8.35 14.67
C GLU A 205 -5.64 7.28 13.85
N ASP A 206 -5.71 7.46 12.53
CA ASP A 206 -6.40 6.51 11.63
C ASP A 206 -5.54 5.26 11.34
N VAL A 207 -4.25 5.33 11.64
CA VAL A 207 -3.31 4.27 11.24
C VAL A 207 -3.40 3.04 12.15
N GLU A 208 -3.28 1.87 11.53
CA GLU A 208 -3.33 0.57 12.22
C GLU A 208 -1.91 -0.02 12.31
N TRP A 209 -1.09 0.23 11.31
CA TRP A 209 0.19 -0.46 11.18
C TRP A 209 0.96 0.19 10.04
N ALA A 210 2.29 0.22 10.16
CA ALA A 210 3.14 0.68 9.08
C ALA A 210 4.05 -0.47 8.69
N HIS A 211 4.41 -0.55 7.42
CA HIS A 211 5.32 -1.58 6.98
C HIS A 211 6.39 -0.99 6.08
N LEU A 212 7.64 -1.27 6.41
CA LEU A 212 8.78 -0.82 5.61
C LEU A 212 9.28 -1.95 4.72
N GLU A 213 9.38 -1.69 3.42
CA GLU A 213 9.66 -2.75 2.45
C GLU A 213 10.95 -2.46 1.71
N ARG A 214 11.59 -3.53 1.21
CA ARG A 214 12.89 -3.42 0.54
C ARG A 214 13.94 -2.89 1.51
N VAL A 215 13.71 -3.13 2.79
CA VAL A 215 14.73 -2.89 3.81
C VAL A 215 15.69 -4.08 3.86
N GLN A 216 16.87 -3.91 3.28
CA GLN A 216 17.85 -4.96 3.26
C GLN A 216 19.24 -4.38 3.06
N PHE A 217 20.24 -5.15 3.46
CA PHE A 217 21.62 -4.77 3.18
C PHE A 217 21.85 -4.94 1.68
N GLY A 218 22.39 -3.94 0.96
CA GLY A 218 22.67 -2.59 1.43
C GLY A 218 21.84 -1.65 0.57
N LEU A 219 20.64 -1.36 1.05
CA LEU A 219 19.65 -0.62 0.29
C LEU A 219 20.08 0.81 -0.03
N LYS A 220 19.52 1.37 -1.10
CA LYS A 220 19.67 2.78 -1.41
C LYS A 220 18.42 3.51 -0.94
N ASN A 221 17.30 2.80 -0.99
CA ASN A 221 16.02 3.34 -0.56
C ASN A 221 15.04 2.22 -0.20
N PHE A 222 13.93 2.61 0.42
CA PHE A 222 12.91 1.66 0.85
C PHE A 222 11.52 2.27 0.67
N ASP A 223 10.49 1.46 0.86
CA ASP A 223 9.10 1.89 0.68
C ASP A 223 8.37 1.81 2.00
N LEU A 224 7.48 2.75 2.24
CA LEU A 224 6.74 2.84 3.48
C LEU A 224 5.25 2.64 3.18
N VAL A 225 4.61 1.68 3.85
CA VAL A 225 3.21 1.37 3.60
C VAL A 225 2.37 1.62 4.85
N PHE A 226 1.30 2.41 4.72
CA PHE A 226 0.41 2.66 5.84
C PHE A 226 -0.87 1.85 5.73
N VAL A 227 -1.17 1.10 6.79
CA VAL A 227 -2.42 0.37 6.90
C VAL A 227 -3.32 1.13 7.86
N PHE A 228 -4.61 1.19 7.53
CA PHE A 228 -5.56 1.96 8.31
C PHE A 228 -6.48 1.07 9.14
N LYS A 229 -7.01 1.62 10.22
CA LYS A 229 -7.89 0.89 11.12
C LYS A 229 -9.14 0.44 10.41
N ASP A 230 -9.57 1.23 9.43
CA ASP A 230 -10.62 0.83 8.52
C ASP A 230 -9.99 -0.06 7.46
N PHE A 231 -10.30 -1.36 7.53
CA PHE A 231 -9.66 -2.35 6.66
C PHE A 231 -10.15 -2.29 5.22
N THR A 232 -11.22 -1.54 4.95
CA THR A 232 -11.74 -1.38 3.59
C THR A 232 -11.03 -0.24 2.87
N ARG A 233 -10.39 0.64 3.62
CA ARG A 233 -9.66 1.75 3.02
C ARG A 233 -8.34 1.26 2.40
N PRO A 234 -8.06 1.64 1.14
CA PRO A 234 -6.82 1.16 0.52
C PRO A 234 -5.59 1.61 1.30
N VAL A 235 -4.51 0.84 1.27
CA VAL A 235 -3.27 1.24 1.93
C VAL A 235 -2.61 2.36 1.14
N VAL A 236 -1.73 3.09 1.81
CA VAL A 236 -1.04 4.20 1.20
C VAL A 236 0.46 3.89 1.16
N HIS A 237 1.02 3.97 -0.04
CA HIS A 237 2.44 3.75 -0.26
C HIS A 237 3.15 5.08 -0.34
N ILE A 238 4.25 5.21 0.41
CA ILE A 238 5.22 6.25 0.14
C ILE A 238 6.50 5.55 -0.29
N ASN A 239 6.75 5.57 -1.58
CA ASN A 239 7.82 4.77 -2.18
C ASN A 239 9.13 5.52 -2.27
N THR A 240 10.22 4.76 -2.33
CA THR A 240 11.52 5.30 -2.72
C THR A 240 12.02 6.37 -1.74
N ILE A 241 11.95 6.06 -0.45
CA ILE A 241 12.52 6.94 0.57
C ILE A 241 14.01 6.61 0.75
N PRO A 242 14.90 7.62 0.65
CA PRO A 242 16.34 7.40 0.82
C PRO A 242 16.71 6.72 2.13
N VAL A 243 17.65 5.79 2.05
CA VAL A 243 18.10 5.02 3.22
C VAL A 243 18.54 5.93 4.37
N GLU A 244 19.09 7.10 4.06
CA GLU A 244 19.57 8.01 5.10
C GLU A 244 18.43 8.56 5.96
N SER A 245 17.19 8.23 5.61
CA SER A 245 16.02 8.66 6.37
C SER A 245 15.34 7.48 7.07
N LEU A 246 15.90 6.28 6.91
CA LEU A 246 15.32 5.08 7.52
C LEU A 246 15.20 5.19 9.05
N GLU A 247 16.29 5.58 9.70
CA GLU A 247 16.29 5.72 11.16
C GLU A 247 15.31 6.81 11.63
N ASP A 248 15.24 7.90 10.90
CA ASP A 248 14.34 9.01 11.25
C ASP A 248 12.88 8.60 11.09
N VAL A 249 12.60 7.79 10.07
CA VAL A 249 11.24 7.31 9.82
C VAL A 249 10.79 6.37 10.93
N LYS A 250 11.67 5.46 11.35
CA LYS A 250 11.34 4.54 12.44
C LYS A 250 11.08 5.32 13.72
N GLU A 251 11.95 6.30 13.97
CA GLU A 251 11.88 7.09 15.19
C GLU A 251 10.56 7.85 15.24
N PHE A 252 10.12 8.29 14.07
CA PHE A 252 8.87 9.02 13.95
C PHE A 252 7.67 8.12 14.22
N LEU A 253 7.72 6.90 13.68
CA LEU A 253 6.66 5.93 13.92
C LEU A 253 6.59 5.59 15.40
N ASP A 254 7.74 5.36 16.02
CA ASP A 254 7.79 5.04 17.45
C ASP A 254 7.20 6.18 18.29
N SER A 255 7.60 7.40 17.98
CA SER A 255 7.17 8.56 18.76
C SER A 255 5.69 8.90 18.51
N SER A 256 5.14 8.40 17.39
CA SER A 256 3.72 8.57 17.07
C SER A 256 2.91 7.37 17.59
N ASP A 257 3.59 6.43 18.24
CA ASP A 257 2.97 5.24 18.81
C ASP A 257 2.36 4.36 17.71
N ILE A 258 3.00 4.34 16.54
CA ILE A 258 2.55 3.51 15.43
C ILE A 258 3.41 2.26 15.32
N PRO A 259 2.82 1.08 15.57
CA PRO A 259 3.63 -0.14 15.49
C PRO A 259 4.01 -0.40 14.04
N PHE A 260 5.17 -1.01 13.81
CA PHE A 260 5.59 -1.32 12.46
C PHE A 260 6.40 -2.59 12.38
N SER A 261 6.64 -3.03 11.16
CA SER A 261 7.44 -4.20 10.88
C SER A 261 8.24 -3.79 9.66
N GLU A 262 9.24 -4.57 9.28
CA GLU A 262 10.07 -4.25 8.14
C GLU A 262 10.58 -5.51 7.49
N GLY A 263 10.85 -5.45 6.19
CA GLY A 263 11.46 -6.55 5.49
C GLY A 263 11.94 -6.18 4.11
N PRO A 264 12.61 -7.13 3.43
CA PRO A 264 13.22 -6.99 2.09
C PRO A 264 12.23 -7.00 0.92
N LEU A 265 11.02 -7.51 1.11
CA LEU A 265 10.10 -7.71 -0.01
C LEU A 265 8.95 -6.70 -0.05
N ASN A 266 8.37 -6.53 -1.24
CA ASN A 266 7.12 -5.81 -1.38
C ASN A 266 5.98 -6.81 -1.21
N LEU A 267 5.03 -6.49 -0.34
CA LEU A 267 3.87 -7.36 -0.12
C LEU A 267 2.71 -7.00 -1.05
N ASN A 268 1.78 -7.94 -1.21
CA ASN A 268 0.62 -7.75 -2.08
C ASN A 268 -0.61 -7.26 -1.30
N TRP A 269 -0.65 -5.95 -1.05
CA TRP A 269 -1.54 -5.39 -0.04
C TRP A 269 -3.02 -5.52 -0.37
N SER A 270 -3.40 -5.31 -1.63
CA SER A 270 -4.81 -5.34 -1.98
C SER A 270 -5.39 -6.73 -1.68
N VAL A 271 -4.60 -7.76 -1.91
CA VAL A 271 -5.02 -9.14 -1.62
C VAL A 271 -5.03 -9.41 -0.12
N ILE A 272 -4.03 -8.86 0.58
CA ILE A 272 -3.94 -9.02 2.02
C ILE A 272 -5.16 -8.40 2.71
N MET A 273 -5.48 -7.15 2.37
CA MET A 273 -6.58 -6.45 3.03
C MET A 273 -7.91 -7.16 2.82
N LYS A 274 -8.07 -7.76 1.65
CA LYS A 274 -9.30 -8.47 1.33
C LYS A 274 -9.40 -9.71 2.24
N THR A 275 -8.27 -10.41 2.40
CA THR A 275 -8.22 -11.60 3.24
C THR A 275 -8.49 -11.23 4.70
N VAL A 276 -7.91 -10.13 5.15
CA VAL A 276 -8.09 -9.68 6.52
C VAL A 276 -9.52 -9.21 6.79
N THR A 277 -10.03 -8.32 5.93
CA THR A 277 -11.36 -7.73 6.14
C THR A 277 -12.43 -8.81 6.26
N ALA A 278 -12.24 -9.91 5.54
CA ALA A 278 -13.13 -11.04 5.62
C ALA A 278 -13.25 -11.51 7.08
N ASN A 279 -12.16 -12.09 7.60
CA ASN A 279 -12.13 -12.64 8.97
C ASN A 279 -10.93 -12.10 9.77
N PRO A 280 -11.07 -10.87 10.32
CA PRO A 280 -9.96 -10.24 11.04
C PRO A 280 -9.63 -10.95 12.35
N HIS A 281 -10.63 -11.53 13.00
CA HIS A 281 -10.38 -12.17 14.29
C HIS A 281 -9.36 -13.30 14.14
N GLN A 282 -9.55 -14.15 13.14
CA GLN A 282 -8.67 -15.29 12.93
C GLN A 282 -7.29 -14.81 12.52
N PHE A 283 -7.27 -13.71 11.76
CA PHE A 283 -6.03 -13.12 11.27
C PHE A 283 -5.11 -12.72 12.43
N PHE A 284 -5.69 -12.15 13.48
CA PHE A 284 -4.93 -11.63 14.61
C PHE A 284 -4.63 -12.72 15.62
N LEU A 285 -5.51 -13.70 15.70
CA LEU A 285 -5.21 -14.94 16.42
C LEU A 285 -3.95 -15.56 15.82
N ASP A 286 -3.84 -15.50 14.50
CA ASP A 286 -2.76 -16.15 13.76
C ASP A 286 -1.47 -15.34 13.75
N GLY A 287 -1.49 -14.15 14.34
CA GLY A 287 -0.27 -13.37 14.55
C GLY A 287 -0.33 -11.93 14.06
N GLY A 288 -1.33 -11.61 13.25
CA GLY A 288 -1.51 -10.24 12.79
C GLY A 288 -0.53 -9.81 11.71
N TRP A 289 -0.29 -8.52 11.59
CA TRP A 289 0.46 -7.96 10.46
C TRP A 289 1.91 -8.46 10.40
N GLY A 290 2.46 -8.86 11.54
CA GLY A 290 3.87 -9.19 11.62
C GLY A 290 4.32 -10.43 10.86
N PHE A 291 3.46 -11.45 10.76
CA PHE A 291 3.89 -12.74 10.20
C PHE A 291 4.08 -12.72 8.68
N LEU A 292 3.52 -11.70 8.01
CA LEU A 292 3.60 -11.61 6.55
C LEU A 292 5.03 -11.30 6.09
N GLN A 293 5.71 -10.47 6.88
CA GLN A 293 7.11 -10.21 6.69
C GLN A 293 7.68 -9.46 7.90
N ASN A 294 8.72 -10.01 8.48
CA ASN A 294 9.46 -9.33 9.54
C ASN A 294 10.86 -9.94 9.67
N ASP A 295 11.81 -9.41 8.89
CA ASP A 295 13.17 -9.95 8.83
C ASP A 295 14.19 -8.98 9.43
N SER A 296 13.73 -8.13 10.35
CA SER A 296 14.59 -7.13 10.97
C SER A 296 13.86 -6.45 12.13
N ARG A 318 15.71 -10.72 -8.04
CA ARG A 318 14.60 -10.03 -7.39
C ARG A 318 13.59 -11.03 -6.85
N LYS A 319 13.38 -11.00 -5.53
CA LYS A 319 12.52 -11.98 -4.88
C LYS A 319 11.07 -11.51 -4.71
N GLU A 320 10.15 -12.45 -4.94
CA GLU A 320 8.72 -12.19 -4.89
C GLU A 320 8.15 -12.68 -3.55
N SER A 321 7.19 -11.93 -3.01
CA SER A 321 6.44 -12.38 -1.84
C SER A 321 5.23 -13.18 -2.31
N TYR A 322 5.09 -14.41 -1.82
CA TYR A 322 3.91 -15.25 -2.03
C TYR A 322 3.18 -15.43 -0.70
N ALA A 323 3.59 -14.64 0.29
CA ALA A 323 3.22 -14.85 1.68
C ALA A 323 1.72 -14.94 1.90
N ILE A 324 0.98 -13.99 1.33
CA ILE A 324 -0.47 -13.97 1.53
C ILE A 324 -1.13 -15.23 0.94
N TYR A 325 -0.55 -15.77 -0.14
CA TYR A 325 -1.08 -16.99 -0.76
C TYR A 325 -0.72 -18.24 0.04
N VAL A 326 0.46 -18.23 0.65
CA VAL A 326 0.86 -19.32 1.53
C VAL A 326 -0.12 -19.38 2.71
N TYR A 327 -0.48 -18.22 3.21
CA TYR A 327 -1.45 -18.10 4.30
C TYR A 327 -2.85 -18.57 3.86
N LYS A 328 -3.28 -18.17 2.68
CA LYS A 328 -4.55 -18.64 2.14
C LYS A 328 -4.60 -20.17 2.10
N VAL A 329 -3.51 -20.80 1.67
CA VAL A 329 -3.46 -22.25 1.61
C VAL A 329 -3.47 -22.84 3.02
N LEU A 330 -2.72 -22.22 3.93
CA LEU A 330 -2.68 -22.65 5.32
C LEU A 330 -4.09 -22.69 5.90
N LYS A 331 -4.90 -21.68 5.55
CA LYS A 331 -6.27 -21.57 6.04
C LYS A 331 -7.17 -22.64 5.45
N GLN A 332 -6.74 -23.22 4.33
CA GLN A 332 -7.42 -24.38 3.79
C GLN A 332 -7.01 -25.66 4.56
N VAL A 333 -5.72 -25.85 4.80
CA VAL A 333 -5.22 -27.12 5.36
C VAL A 333 -5.28 -27.18 6.90
N HIS A 334 -5.01 -26.07 7.57
CA HIS A 334 -5.10 -25.99 9.04
C HIS A 334 -5.74 -24.65 9.42
N PRO A 335 -7.09 -24.59 9.39
CA PRO A 335 -7.80 -23.31 9.57
C PRO A 335 -7.51 -22.59 10.88
N ASP A 336 -7.12 -23.34 11.91
CA ASP A 336 -6.93 -22.78 13.24
C ASP A 336 -5.46 -22.59 13.57
N THR A 337 -4.58 -23.01 12.67
CA THR A 337 -3.14 -22.94 12.88
C THR A 337 -2.53 -21.74 12.16
N GLY A 338 -1.71 -20.98 12.89
CA GLY A 338 -1.01 -19.83 12.32
C GLY A 338 0.42 -20.23 11.93
N ILE A 339 1.20 -19.26 11.46
CA ILE A 339 2.59 -19.51 11.07
C ILE A 339 3.45 -18.30 11.45
N SER A 340 4.62 -18.51 12.04
CA SER A 340 5.47 -17.39 12.44
C SER A 340 6.17 -16.72 11.26
N SER A 341 6.64 -15.50 11.47
CA SER A 341 7.27 -14.72 10.41
C SER A 341 8.53 -15.39 9.85
N LYS A 342 9.32 -16.01 10.73
CA LYS A 342 10.53 -16.71 10.29
C LYS A 342 10.16 -17.93 9.46
N ALA A 343 9.10 -18.63 9.86
CA ALA A 343 8.65 -19.82 9.15
C ALA A 343 8.05 -19.45 7.79
N MET A 344 7.30 -18.35 7.78
CA MET A 344 6.70 -17.82 6.56
C MET A 344 7.77 -17.42 5.54
N SER A 345 8.86 -16.86 6.05
CA SER A 345 9.98 -16.42 5.22
C SER A 345 10.64 -17.61 4.53
N ILE A 346 10.75 -18.73 5.27
CA ILE A 346 11.30 -19.98 4.76
C ILE A 346 10.41 -20.60 3.68
N MET A 347 9.09 -20.63 3.94
CA MET A 347 8.12 -21.12 2.95
C MET A 347 8.22 -20.29 1.67
N ASN A 348 8.30 -18.98 1.84
CA ASN A 348 8.40 -18.07 0.70
C ASN A 348 9.65 -18.33 -0.14
N SER A 349 10.75 -18.65 0.53
CA SER A 349 12.00 -18.97 -0.16
C SER A 349 11.89 -20.30 -0.93
N PHE A 350 11.20 -21.28 -0.37
CA PHE A 350 10.92 -22.55 -1.07
C PHE A 350 10.22 -22.26 -2.40
N VAL A 351 9.19 -21.43 -2.35
CA VAL A 351 8.35 -21.17 -3.52
C VAL A 351 9.14 -20.48 -4.62
N ASN A 352 9.88 -19.44 -4.25
CA ASN A 352 10.76 -18.75 -5.20
C ASN A 352 11.74 -19.75 -5.81
N ASP A 353 12.40 -20.54 -4.94
CA ASP A 353 13.43 -21.48 -5.39
C ASP A 353 12.87 -22.45 -6.43
N VAL A 354 11.72 -23.04 -6.12
CA VAL A 354 11.12 -24.02 -7.01
C VAL A 354 10.62 -23.36 -8.29
N PHE A 355 10.07 -22.15 -8.18
CA PHE A 355 9.67 -21.36 -9.35
C PHE A 355 10.86 -21.21 -10.29
N GLU A 356 11.97 -20.73 -9.73
CA GLU A 356 13.19 -20.46 -10.50
C GLU A 356 13.75 -21.72 -11.15
N ARG A 357 13.69 -22.83 -10.44
CA ARG A 357 14.25 -24.08 -10.93
C ARG A 357 13.42 -24.64 -12.09
N ILE A 358 12.11 -24.70 -11.91
CA ILE A 358 11.22 -25.19 -12.97
C ILE A 358 11.30 -24.29 -14.20
N ALA A 359 11.21 -22.99 -13.98
CA ALA A 359 11.25 -22.04 -15.10
C ALA A 359 12.60 -22.12 -15.82
N GLY A 360 13.68 -22.24 -15.06
CA GLY A 360 15.00 -22.37 -15.65
C GLY A 360 15.11 -23.58 -16.56
N GLU A 361 14.46 -24.68 -16.17
CA GLU A 361 14.51 -25.91 -16.95
C GLU A 361 13.60 -25.82 -18.19
N ALA A 362 12.40 -25.27 -18.02
CA ALA A 362 11.48 -25.05 -19.14
C ALA A 362 12.15 -24.23 -20.24
N SER A 363 12.87 -23.19 -19.81
CA SER A 363 13.64 -22.33 -20.73
C SER A 363 14.68 -23.15 -21.46
N ARG A 364 15.25 -24.10 -20.74
CA ARG A 364 16.29 -24.98 -21.28
C ARG A 364 15.68 -25.92 -22.29
N LEU A 365 14.53 -26.49 -21.93
CA LEU A 365 13.81 -27.42 -22.78
C LEU A 365 13.37 -26.76 -24.07
N ALA A 366 12.83 -25.55 -23.96
CA ALA A 366 12.30 -24.83 -25.11
C ALA A 366 13.39 -24.61 -26.14
N HIS A 367 14.56 -24.21 -25.66
CA HIS A 367 15.69 -23.91 -26.52
C HIS A 367 16.18 -25.17 -27.23
N TYR A 368 16.30 -26.26 -26.49
CA TYR A 368 16.77 -27.53 -27.06
C TYR A 368 15.78 -28.06 -28.09
N ASN A 369 14.49 -27.86 -27.85
CA ASN A 369 13.45 -28.35 -28.74
C ASN A 369 13.06 -27.35 -29.83
N LYS A 370 13.86 -26.28 -29.96
CA LYS A 370 13.71 -25.32 -31.05
C LYS A 370 12.42 -24.51 -30.99
N ARG A 371 11.65 -24.68 -29.92
CA ARG A 371 10.45 -23.88 -29.70
C ARG A 371 10.83 -22.53 -29.10
N SER A 372 10.12 -21.48 -29.47
CA SER A 372 10.43 -20.12 -29.00
C SER A 372 9.53 -19.71 -27.85
N THR A 373 8.56 -20.57 -27.53
CA THR A 373 7.55 -20.24 -26.54
C THR A 373 7.44 -21.31 -25.47
N ILE A 374 7.38 -20.88 -24.22
CA ILE A 374 7.16 -21.78 -23.10
C ILE A 374 5.67 -21.97 -22.89
N THR A 375 5.26 -23.22 -22.89
CA THR A 375 3.87 -23.59 -22.74
C THR A 375 3.73 -24.53 -21.56
N SER A 376 2.56 -25.13 -21.40
CA SER A 376 2.31 -26.04 -20.31
C SER A 376 3.13 -27.33 -20.48
N ARG A 377 3.44 -27.70 -21.73
CA ARG A 377 4.16 -28.93 -22.01
C ARG A 377 5.58 -28.89 -21.42
N GLU A 378 6.25 -27.75 -21.53
CA GLU A 378 7.61 -27.58 -21.01
C GLU A 378 7.63 -27.54 -19.48
N ILE A 379 6.55 -27.01 -18.90
CA ILE A 379 6.43 -26.95 -17.45
C ILE A 379 6.29 -28.37 -16.92
N GLN A 380 5.42 -29.14 -17.58
CA GLN A 380 5.14 -30.51 -17.16
C GLN A 380 6.39 -31.37 -17.22
N THR A 381 7.13 -31.25 -18.32
CA THR A 381 8.35 -32.01 -18.51
C THR A 381 9.38 -31.62 -17.45
N ALA A 382 9.47 -30.31 -17.19
CA ALA A 382 10.43 -29.78 -16.24
C ALA A 382 10.12 -30.33 -14.85
N VAL A 383 8.83 -30.34 -14.52
CA VAL A 383 8.36 -30.88 -13.24
C VAL A 383 8.74 -32.35 -13.10
N ARG A 384 8.55 -33.10 -14.18
CA ARG A 384 8.87 -34.52 -14.19
C ARG A 384 10.35 -34.76 -13.89
N LEU A 385 11.19 -33.90 -14.41
CA LEU A 385 12.64 -34.06 -14.30
C LEU A 385 13.18 -33.61 -12.95
N LEU A 386 12.53 -32.63 -12.35
CA LEU A 386 13.09 -31.94 -11.20
C LEU A 386 12.58 -32.46 -9.86
N LEU A 387 11.37 -33.05 -9.88
CA LEU A 387 10.75 -33.52 -8.65
C LEU A 387 10.87 -35.03 -8.48
N PRO A 388 10.96 -35.50 -7.22
CA PRO A 388 10.90 -36.95 -6.93
C PRO A 388 9.61 -37.57 -7.46
N GLY A 389 9.65 -38.86 -7.81
CA GLY A 389 8.57 -39.50 -8.56
C GLY A 389 7.16 -39.37 -7.99
N GLU A 390 6.99 -39.67 -6.72
CA GLU A 390 5.66 -39.67 -6.11
C GLU A 390 5.15 -38.24 -6.04
N LEU A 391 6.04 -37.33 -5.67
CA LEU A 391 5.74 -35.91 -5.58
C LEU A 391 5.49 -35.33 -6.97
N ALA A 392 6.27 -35.80 -7.94
CA ALA A 392 6.15 -35.37 -9.33
C ALA A 392 4.85 -35.89 -9.93
N LYS A 393 4.45 -37.10 -9.52
CA LYS A 393 3.25 -37.73 -10.06
C LYS A 393 2.03 -36.87 -9.73
N HIS A 394 1.92 -36.48 -8.47
CA HIS A 394 0.76 -35.73 -7.98
C HIS A 394 0.79 -34.28 -8.46
N ALA A 395 1.99 -33.72 -8.60
CA ALA A 395 2.14 -32.35 -9.03
C ALA A 395 1.70 -32.23 -10.49
N VAL A 396 2.16 -33.16 -11.32
CA VAL A 396 1.78 -33.22 -12.73
C VAL A 396 0.27 -33.38 -12.83
N SER A 397 -0.30 -34.14 -11.89
CA SER A 397 -1.73 -34.41 -11.89
C SER A 397 -2.52 -33.15 -11.56
N GLU A 398 -2.03 -32.39 -10.58
CA GLU A 398 -2.70 -31.16 -10.14
C GLU A 398 -2.57 -30.04 -11.17
N GLY A 399 -1.41 -29.97 -11.83
CA GLY A 399 -1.18 -28.98 -12.85
C GLY A 399 -2.04 -29.26 -14.06
N THR A 400 -2.18 -30.54 -14.41
CA THR A 400 -3.02 -30.96 -15.51
C THR A 400 -4.49 -30.71 -15.19
N LYS A 401 -4.87 -30.96 -13.93
CA LYS A 401 -6.26 -30.79 -13.50
C LYS A 401 -6.66 -29.31 -13.56
N ALA A 402 -5.73 -28.43 -13.19
CA ALA A 402 -6.00 -27.00 -13.18
C ALA A 402 -6.15 -26.44 -14.59
N VAL A 403 -5.32 -26.92 -15.51
CA VAL A 403 -5.44 -26.50 -16.91
C VAL A 403 -6.75 -27.01 -17.50
N THR A 404 -7.13 -28.23 -17.13
CA THR A 404 -8.39 -28.82 -17.59
C THR A 404 -9.58 -27.97 -17.16
N LYS A 405 -9.58 -27.54 -15.91
CA LYS A 405 -10.67 -26.74 -15.36
C LYS A 405 -10.69 -25.35 -15.97
N TYR A 406 -9.49 -24.77 -16.08
CA TYR A 406 -9.31 -23.43 -16.64
C TYR A 406 -9.84 -23.35 -18.06
N THR A 407 -9.55 -24.38 -18.85
CA THR A 407 -9.87 -24.40 -20.28
C THR A 407 -11.33 -24.79 -20.56
N SER A 408 -11.93 -25.58 -19.67
CA SER A 408 -13.35 -25.90 -19.81
C SER A 408 -14.15 -24.61 -19.74
N ALA A 409 -13.70 -23.71 -18.86
CA ALA A 409 -14.28 -22.37 -18.74
C ALA A 409 -13.87 -21.51 -19.93
N ALA B 1 -23.60 -10.63 -12.47
CA ALA B 1 -22.16 -10.41 -12.35
C ALA B 1 -21.85 -8.93 -12.21
N GLY B 2 -20.70 -8.62 -11.63
CA GLY B 2 -20.25 -7.25 -11.47
C GLY B 2 -18.77 -7.10 -11.73
N ARG B 3 -18.03 -8.20 -11.56
CA ARG B 3 -16.60 -8.25 -11.83
C ARG B 3 -16.30 -9.59 -12.50
N ALA B 4 -15.51 -9.57 -13.56
CA ALA B 4 -15.19 -10.80 -14.29
C ALA B 4 -14.27 -11.72 -13.48
N LYS B 5 -14.36 -13.02 -13.75
CA LYS B 5 -13.56 -14.01 -13.04
C LYS B 5 -12.09 -13.86 -13.36
N THR B 6 -11.26 -13.88 -12.31
CA THR B 6 -9.82 -13.91 -12.51
C THR B 6 -9.42 -15.25 -13.12
N ARG B 7 -8.20 -15.30 -13.64
CA ARG B 7 -7.64 -16.53 -14.17
C ARG B 7 -7.36 -17.56 -13.07
N SER B 8 -7.07 -17.09 -11.86
CA SER B 8 -6.79 -18.00 -10.76
C SER B 8 -8.07 -18.71 -10.38
N SER B 9 -9.15 -17.95 -10.31
CA SER B 9 -10.44 -18.52 -9.91
C SER B 9 -10.95 -19.50 -10.97
N ARG B 10 -10.74 -19.19 -12.25
CA ARG B 10 -11.08 -20.11 -13.33
C ARG B 10 -10.32 -21.42 -13.19
N ALA B 11 -9.09 -21.32 -12.70
CA ALA B 11 -8.21 -22.46 -12.57
C ALA B 11 -8.43 -23.18 -11.23
N GLY B 12 -9.22 -22.58 -10.34
CA GLY B 12 -9.52 -23.18 -9.06
C GLY B 12 -8.38 -22.99 -8.07
N LEU B 13 -7.62 -21.92 -8.24
CA LEU B 13 -6.37 -21.70 -7.49
C LEU B 13 -6.39 -20.51 -6.53
N GLN B 14 -5.55 -20.60 -5.50
CA GLN B 14 -5.30 -19.48 -4.59
C GLN B 14 -4.09 -18.70 -5.10
N PHE B 15 -3.14 -19.41 -5.68
CA PHE B 15 -1.93 -18.80 -6.19
C PHE B 15 -2.25 -17.96 -7.44
N PRO B 16 -1.53 -16.84 -7.62
CA PRO B 16 -1.91 -15.83 -8.63
C PRO B 16 -1.41 -16.15 -10.05
N VAL B 17 -2.32 -16.55 -10.94
CA VAL B 17 -1.96 -16.91 -12.31
C VAL B 17 -1.40 -15.74 -13.10
N GLY B 18 -2.02 -14.57 -12.97
CA GLY B 18 -1.60 -13.40 -13.72
C GLY B 18 -0.19 -12.97 -13.34
N ARG B 19 0.08 -12.96 -12.04
CA ARG B 19 1.37 -12.50 -11.54
C ARG B 19 2.49 -13.48 -11.90
N VAL B 20 2.20 -14.77 -11.78
CA VAL B 20 3.15 -15.81 -12.19
C VAL B 20 3.52 -15.66 -13.67
N HIS B 21 2.53 -15.33 -14.49
CA HIS B 21 2.72 -15.16 -15.93
C HIS B 21 3.65 -13.98 -16.18
N ARG B 22 3.37 -12.89 -15.50
CA ARG B 22 4.19 -11.69 -15.58
C ARG B 22 5.65 -11.98 -15.18
N LEU B 23 5.84 -12.75 -14.10
CA LEU B 23 7.17 -13.10 -13.62
C LEU B 23 7.90 -14.02 -14.59
N LEU B 24 7.15 -14.89 -15.27
CA LEU B 24 7.74 -15.76 -16.28
C LEU B 24 8.22 -14.94 -17.47
N ARG B 25 7.51 -13.85 -17.76
CA ARG B 25 7.87 -12.99 -18.88
C ARG B 25 9.03 -12.09 -18.48
N LYS B 26 9.04 -11.62 -17.24
CA LYS B 26 10.06 -10.66 -16.81
C LYS B 26 11.41 -11.35 -16.62
N GLY B 27 11.42 -12.67 -16.48
CA GLY B 27 12.66 -13.41 -16.33
C GLY B 27 13.37 -13.71 -17.65
N ASN B 28 12.73 -13.38 -18.76
CA ASN B 28 13.28 -13.62 -20.10
C ASN B 28 13.76 -15.07 -20.27
N TYR B 29 12.87 -16.00 -19.93
CA TYR B 29 13.11 -17.43 -20.08
C TYR B 29 12.84 -17.85 -21.52
N ALA B 30 12.05 -17.04 -22.23
CA ALA B 30 11.73 -17.31 -23.63
C ALA B 30 11.17 -16.08 -24.33
N GLU B 31 11.03 -16.18 -25.65
CA GLU B 31 10.48 -15.09 -26.46
C GLU B 31 9.03 -14.82 -26.08
N ARG B 32 8.29 -15.89 -25.81
CA ARG B 32 6.88 -15.79 -25.48
C ARG B 32 6.53 -16.81 -24.40
N VAL B 33 5.58 -16.44 -23.54
CA VAL B 33 5.03 -17.38 -22.56
C VAL B 33 3.53 -17.54 -22.80
N GLY B 34 3.13 -18.75 -23.15
CA GLY B 34 1.73 -19.04 -23.43
C GLY B 34 0.90 -19.07 -22.15
N ALA B 35 -0.41 -18.89 -22.31
CA ALA B 35 -1.33 -18.71 -21.19
C ALA B 35 -1.46 -19.96 -20.33
N GLY B 36 -1.12 -21.12 -20.89
CA GLY B 36 -1.26 -22.38 -20.17
C GLY B 36 -0.17 -22.56 -19.12
N ALA B 37 1.02 -22.03 -19.41
CA ALA B 37 2.19 -22.20 -18.54
C ALA B 37 1.97 -21.72 -17.09
N PRO B 38 1.53 -20.47 -16.89
CA PRO B 38 1.32 -19.96 -15.52
C PRO B 38 0.24 -20.70 -14.74
N VAL B 39 -0.75 -21.28 -15.41
CA VAL B 39 -1.81 -22.01 -14.71
C VAL B 39 -1.20 -23.26 -14.10
N TYR B 40 -0.47 -23.99 -14.94
CA TYR B 40 0.15 -25.24 -14.54
C TYR B 40 1.15 -24.98 -13.41
N LEU B 41 2.01 -24.00 -13.62
CA LEU B 41 3.08 -23.71 -12.67
C LEU B 41 2.52 -23.22 -11.33
N ALA B 42 1.50 -22.37 -11.38
CA ALA B 42 0.88 -21.86 -10.17
C ALA B 42 0.22 -23.00 -9.39
N ALA B 43 -0.35 -23.95 -10.13
CA ALA B 43 -1.02 -25.10 -9.52
C ALA B 43 -0.01 -25.95 -8.77
N VAL B 44 1.15 -26.13 -9.39
CA VAL B 44 2.24 -26.93 -8.83
C VAL B 44 2.78 -26.29 -7.56
N LEU B 45 3.05 -24.99 -7.62
CA LEU B 45 3.53 -24.27 -6.45
C LEU B 45 2.50 -24.34 -5.34
N GLU B 46 1.23 -24.28 -5.72
CA GLU B 46 0.16 -24.34 -4.73
C GLU B 46 0.12 -25.73 -4.09
N TYR B 47 0.32 -26.76 -4.91
CA TYR B 47 0.28 -28.14 -4.42
C TYR B 47 1.42 -28.41 -3.43
N LEU B 48 2.63 -27.98 -3.79
CA LEU B 48 3.79 -28.17 -2.94
C LEU B 48 3.61 -27.42 -1.63
N THR B 49 3.11 -26.20 -1.71
CA THR B 49 2.91 -25.39 -0.52
C THR B 49 1.97 -26.11 0.44
N ALA B 50 0.91 -26.69 -0.09
CA ALA B 50 -0.11 -27.35 0.72
C ALA B 50 0.43 -28.60 1.42
N GLU B 51 1.28 -29.36 0.73
CA GLU B 51 1.84 -30.60 1.30
C GLU B 51 2.74 -30.26 2.47
N ILE B 52 3.70 -29.37 2.21
CA ILE B 52 4.61 -28.90 3.23
C ILE B 52 3.84 -28.38 4.44
N LEU B 53 2.84 -27.54 4.19
CA LEU B 53 2.08 -26.93 5.28
C LEU B 53 1.26 -27.95 6.05
N GLU B 54 0.83 -29.01 5.36
CA GLU B 54 0.04 -30.03 6.05
C GLU B 54 0.93 -30.76 7.06
N LEU B 55 2.11 -31.17 6.61
CA LEU B 55 3.06 -31.89 7.44
C LEU B 55 3.58 -31.00 8.57
N ALA B 56 3.90 -29.76 8.24
CA ALA B 56 4.44 -28.81 9.20
C ALA B 56 3.40 -28.49 10.27
N GLY B 57 2.15 -28.38 9.86
CA GLY B 57 1.06 -28.01 10.76
C GLY B 57 0.67 -29.14 11.68
N ASN B 58 0.91 -30.38 11.23
CA ASN B 58 0.65 -31.54 12.05
C ASN B 58 1.67 -31.64 13.19
N ALA B 59 2.92 -31.30 12.88
CA ALA B 59 3.98 -31.33 13.87
C ALA B 59 3.70 -30.30 14.95
N ALA B 60 3.23 -29.13 14.54
CA ALA B 60 2.89 -28.06 15.49
C ALA B 60 1.80 -28.56 16.44
N ARG B 61 0.77 -29.17 15.88
CA ARG B 61 -0.39 -29.62 16.66
C ARG B 61 -0.04 -30.79 17.59
N ASP B 62 0.86 -31.66 17.15
CA ASP B 62 1.38 -32.75 17.97
C ASP B 62 2.09 -32.18 19.21
N ASN B 63 2.78 -31.06 19.01
CA ASN B 63 3.50 -30.38 20.09
C ASN B 63 2.61 -29.43 20.89
N LYS B 64 1.31 -29.49 20.63
CA LYS B 64 0.33 -28.67 21.34
C LYS B 64 0.51 -27.17 21.06
N LYS B 65 1.06 -26.87 19.89
CA LYS B 65 1.28 -25.49 19.47
C LYS B 65 0.26 -25.09 18.41
N THR B 66 -0.14 -23.82 18.46
CA THR B 66 -1.14 -23.29 17.56
C THR B 66 -0.49 -22.56 16.39
N ARG B 67 0.85 -22.52 16.39
CA ARG B 67 1.57 -21.73 15.41
C ARG B 67 2.76 -22.50 14.89
N ILE B 68 2.90 -22.51 13.57
CA ILE B 68 4.03 -23.17 12.94
C ILE B 68 5.29 -22.32 13.04
N ILE B 69 6.37 -22.93 13.52
CA ILE B 69 7.67 -22.28 13.65
C ILE B 69 8.70 -23.04 12.80
N PRO B 70 9.89 -22.44 12.60
CA PRO B 70 10.92 -23.05 11.73
C PRO B 70 11.24 -24.51 12.07
N ARG B 71 11.30 -24.83 13.37
CA ARG B 71 11.62 -26.18 13.81
C ARG B 71 10.66 -27.21 13.18
N HIS B 72 9.37 -26.89 13.17
CA HIS B 72 8.35 -27.77 12.59
C HIS B 72 8.57 -27.98 11.10
N LEU B 73 8.89 -26.89 10.39
CA LEU B 73 9.17 -26.96 8.96
C LEU B 73 10.36 -27.87 8.74
N GLN B 74 11.45 -27.56 9.44
CA GLN B 74 12.69 -28.32 9.36
C GLN B 74 12.40 -29.81 9.53
N LEU B 75 11.64 -30.10 10.57
CA LEU B 75 11.30 -31.47 10.96
C LEU B 75 10.48 -32.17 9.88
N ALA B 76 9.41 -31.51 9.44
CA ALA B 76 8.50 -32.05 8.43
C ALA B 76 9.22 -32.39 7.12
N VAL B 77 10.13 -31.51 6.71
CA VAL B 77 10.83 -31.66 5.44
C VAL B 77 11.94 -32.72 5.52
N ARG B 78 12.68 -32.75 6.62
CA ARG B 78 13.74 -33.75 6.80
C ARG B 78 13.14 -35.15 6.92
N ASN B 79 12.04 -35.26 7.66
CA ASN B 79 11.40 -36.56 7.92
C ASN B 79 10.55 -37.05 6.76
N ASP B 80 10.55 -36.32 5.64
CA ASP B 80 9.88 -36.74 4.43
C ASP B 80 10.91 -36.94 3.32
N GLU B 81 10.99 -38.16 2.79
CA GLU B 81 12.05 -38.53 1.86
C GLU B 81 12.12 -37.61 0.64
N GLU B 82 10.99 -37.42 -0.03
CA GLU B 82 10.95 -36.67 -1.27
C GLU B 82 11.16 -35.18 -1.06
N LEU B 83 10.45 -34.61 -0.10
CA LEU B 83 10.55 -33.19 0.19
C LEU B 83 11.98 -32.84 0.56
N ASN B 84 12.63 -33.74 1.30
CA ASN B 84 14.02 -33.56 1.67
C ASN B 84 14.95 -33.56 0.46
N LYS B 85 14.66 -34.40 -0.53
CA LYS B 85 15.45 -34.45 -1.75
C LYS B 85 15.25 -33.18 -2.57
N LEU B 86 14.03 -32.66 -2.56
CA LEU B 86 13.68 -31.51 -3.40
C LEU B 86 14.18 -30.18 -2.82
N LEU B 87 13.92 -29.97 -1.53
CA LEU B 87 14.09 -28.66 -0.92
C LEU B 87 15.42 -28.47 -0.19
N GLY B 88 16.11 -29.58 0.07
CA GLY B 88 17.38 -29.51 0.77
C GLY B 88 17.17 -29.33 2.26
N ARG B 89 18.26 -29.24 3.01
CA ARG B 89 18.20 -29.13 4.46
C ARG B 89 17.76 -27.72 4.89
N VAL B 90 16.95 -27.66 5.93
CA VAL B 90 16.46 -26.40 6.48
C VAL B 90 17.25 -26.04 7.73
N THR B 91 17.93 -24.91 7.71
CA THR B 91 18.80 -24.50 8.80
C THR B 91 18.18 -23.35 9.60
N ILE B 92 18.30 -23.44 10.92
CA ILE B 92 17.66 -22.49 11.83
C ILE B 92 18.52 -22.25 13.07
CL CL C . 2.19 -10.90 0.26
C TRS D . -3.37 0.49 16.75
C1 TRS D . -2.98 1.87 16.21
C2 TRS D . -3.51 0.51 18.26
C3 TRS D . -2.31 -0.51 16.34
N TRS D . -4.66 0.09 16.18
O1 TRS D . -1.87 2.38 16.92
O2 TRS D . -4.42 1.50 18.63
O3 TRS D . -2.70 -1.84 16.59
H11 TRS D . -3.82 2.55 16.31
H12 TRS D . -2.72 1.78 15.15
H21 TRS D . -2.53 0.73 18.72
H22 TRS D . -3.84 -0.47 18.61
H31 TRS D . -1.38 -0.30 16.88
H32 TRS D . -2.10 -0.39 15.27
HN1 TRS D . -4.67 0.05 15.17
HN2 TRS D . -5.08 -0.71 16.64
HN3 TRS D . -5.28 0.86 16.41
HO1 TRS D . -1.63 3.25 16.56
HO2 TRS D . -4.52 1.52 19.60
HO3 TRS D . -1.99 -2.45 16.31
CL CL E . -5.05 -14.21 -11.70
#